data_5JQT
#
_entry.id   5JQT
#
_cell.length_a   42.234
_cell.length_b   41.104
_cell.length_c   71.831
_cell.angle_alpha   90.000
_cell.angle_beta   103.920
_cell.angle_gamma   90.000
#
_symmetry.space_group_name_H-M   'P 1 21 1'
#
loop_
_entity.id
_entity.type
_entity.pdbx_description
1 polymer 'Carbonic anhydrase 2'
2 non-polymer 'ZINC ION'
3 non-polymer 1,1-dihydroxy-1,3-dihydro-2,1-benzoxaborol-1-ium
4 non-polymer 2,1-benzoxaborol-1(3H)-ol
5 non-polymer '4-(HYDROXYMERCURY)BENZOIC ACID'
6 water water
#
_entity_poly.entity_id   1
_entity_poly.type   'polypeptide(L)'
_entity_poly.pdbx_seq_one_letter_code
;MGMSHHWGYGKHNGPEHWHKDFPIAKGERQSPVDIDTHTAKYDPSLKPLSVSYDQATSLRILNNGHAFNVEFDDSQDKAV
LKGGPLDGTYRLIQFHFHWGSLDGQGSEHTVDKKKYAAELHLVHWNTKYGDFGKAVQQPDGLAVLGIFLKVGSAKPGLQK
VVDVLDSIKTKGKSADFTNFDPRGLLPESLDYWTYPGSLTTPPLLECVTWIVLKEPISVSSEQVLKFRKLNFNGEGEPEE
LMVDNWRPAQPLKNRQIKASFK
;
_entity_poly.pdbx_strand_id   A
#
loop_
_chem_comp.id
_chem_comp.type
_chem_comp.name
_chem_comp.formula
6M4 non-polymer 1,1-dihydroxy-1,3-dihydro-2,1-benzoxaborol-1-ium 'C7 H8 B O3 -1'
6M9 non-polymer 2,1-benzoxaborol-1(3H)-ol 'C7 H7 B O2'
HGB non-polymer '4-(HYDROXYMERCURY)BENZOIC ACID' 'C7 H6 Hg O3'
ZN non-polymer 'ZINC ION' 'Zn 2'
#
# COMPACT_ATOMS: atom_id res chain seq x y z
N MET A 3 0.58 -13.46 21.15
CA MET A 3 0.42 -14.87 21.58
C MET A 3 0.15 -15.87 20.45
N SER A 4 -0.47 -15.44 19.33
CA SER A 4 -0.80 -16.39 18.22
C SER A 4 0.40 -16.64 17.27
N HIS A 5 0.36 -17.80 16.62
CA HIS A 5 1.39 -18.09 15.57
C HIS A 5 1.09 -17.30 14.32
N HIS A 6 2.05 -16.47 13.91
CA HIS A 6 1.83 -15.62 12.77
C HIS A 6 3.16 -15.10 12.17
N TRP A 7 3.16 -14.86 10.88
CA TRP A 7 4.25 -14.06 10.28
C TRP A 7 4.07 -12.63 10.78
N GLY A 8 5.18 -11.90 10.78
CA GLY A 8 5.13 -10.49 11.16
C GLY A 8 6.36 -9.74 10.71
N TYR A 9 6.80 -8.81 11.54
CA TYR A 9 7.92 -7.97 11.19
C TYR A 9 9.07 -8.05 12.19
N GLY A 10 8.90 -8.89 13.21
CA GLY A 10 9.97 -9.09 14.21
C GLY A 10 11.19 -9.82 13.69
N LYS A 11 12.24 -9.83 14.50
CA LYS A 11 13.43 -10.61 14.19
C LYS A 11 13.07 -12.07 13.99
N HIS A 12 12.09 -12.58 14.77
CA HIS A 12 11.82 -13.99 14.75
C HIS A 12 10.78 -14.43 13.76
N ASN A 13 10.08 -13.48 13.16
CA ASN A 13 9.00 -13.83 12.25
C ASN A 13 8.89 -12.89 11.03
N GLY A 14 9.92 -12.07 10.84
CA GLY A 14 9.91 -10.99 9.85
C GLY A 14 10.33 -11.41 8.46
N PRO A 15 10.52 -10.40 7.59
CA PRO A 15 10.79 -10.61 6.15
C PRO A 15 11.85 -11.64 5.79
N GLU A 16 12.91 -11.76 6.62
CA GLU A 16 13.97 -12.72 6.35
C GLU A 16 13.53 -14.21 6.56
N HIS A 17 12.40 -14.40 7.25
CA HIS A 17 11.87 -15.73 7.50
C HIS A 17 10.79 -16.18 6.57
N TRP A 18 10.19 -15.22 5.85
CA TRP A 18 8.93 -15.52 5.16
C TRP A 18 9.11 -16.59 4.08
N HIS A 19 10.32 -16.65 3.46
CA HIS A 19 10.53 -17.63 2.37
C HIS A 19 10.35 -19.10 2.77
N LYS A 20 10.45 -19.38 4.05
CA LYS A 20 10.33 -20.77 4.50
C LYS A 20 8.89 -21.27 4.35
N ASP A 21 7.91 -20.40 4.59
CA ASP A 21 6.49 -20.74 4.32
C ASP A 21 6.00 -20.36 2.94
N PHE A 22 6.62 -19.32 2.36
CA PHE A 22 6.19 -18.77 1.08
C PHE A 22 7.40 -18.68 0.17
N PRO A 23 7.79 -19.83 -0.45
CA PRO A 23 9.03 -19.79 -1.21
C PRO A 23 9.02 -18.81 -2.36
N ILE A 24 7.83 -18.38 -2.79
CA ILE A 24 7.75 -17.31 -3.79
C ILE A 24 8.43 -16.02 -3.34
N ALA A 25 8.73 -15.90 -2.06
CA ALA A 25 9.49 -14.76 -1.56
C ALA A 25 10.78 -14.54 -2.30
N LYS A 26 11.33 -15.62 -2.85
CA LYS A 26 12.56 -15.57 -3.67
C LYS A 26 12.30 -15.67 -5.17
N GLY A 27 11.08 -15.30 -5.57
CA GLY A 27 10.64 -15.38 -6.94
C GLY A 27 11.14 -14.30 -7.86
N GLU A 28 10.56 -14.33 -9.04
CA GLU A 28 11.06 -13.52 -10.14
C GLU A 28 10.44 -12.15 -10.22
N ARG A 29 9.37 -11.89 -9.48
CA ARG A 29 8.71 -10.60 -9.57
C ARG A 29 8.23 -10.11 -8.20
N GLN A 30 9.16 -10.10 -7.26
CA GLN A 30 8.85 -9.68 -5.89
C GLN A 30 8.92 -8.17 -5.69
N SER A 31 8.14 -7.71 -4.75
CA SER A 31 8.02 -6.33 -4.38
C SER A 31 8.27 -6.15 -2.88
N PRO A 32 8.66 -4.97 -2.43
CA PRO A 32 8.93 -3.77 -3.24
C PRO A 32 10.28 -3.86 -3.91
N VAL A 33 10.64 -2.80 -4.64
CA VAL A 33 11.93 -2.64 -5.30
C VAL A 33 12.41 -1.21 -5.08
N ASP A 34 13.71 -1.03 -5.28
CA ASP A 34 14.26 0.28 -5.41
C ASP A 34 13.97 0.77 -6.84
N ILE A 35 13.51 2.01 -6.93
CA ILE A 35 13.23 2.63 -8.23
C ILE A 35 14.45 3.47 -8.53
N ASP A 36 15.25 2.98 -9.49
CA ASP A 36 16.42 3.73 -9.99
C ASP A 36 15.86 4.67 -11.05
N THR A 37 15.75 5.96 -10.71
CA THR A 37 15.06 6.90 -11.58
C THR A 37 15.82 7.12 -12.88
N HIS A 38 17.12 6.81 -12.87
CA HIS A 38 17.99 7.05 -14.02
C HIS A 38 17.89 5.93 -15.01
N THR A 39 17.53 4.74 -14.59
CA THR A 39 17.32 3.63 -15.52
C THR A 39 15.83 3.33 -15.87
N ALA A 40 14.88 3.97 -15.21
CA ALA A 40 13.50 3.84 -15.59
C ALA A 40 13.35 4.49 -16.94
N LYS A 41 12.63 3.87 -17.84
CA LYS A 41 12.44 4.46 -19.14
C LYS A 41 11.09 5.12 -19.31
N TYR A 42 11.10 6.34 -19.89
CA TYR A 42 9.86 7.01 -20.23
C TYR A 42 9.22 6.19 -21.32
N ASP A 43 7.96 5.87 -21.12
CA ASP A 43 7.18 5.14 -22.12
C ASP A 43 6.07 6.04 -22.64
N PRO A 44 6.27 6.63 -23.84
CA PRO A 44 5.21 7.40 -24.45
C PRO A 44 3.92 6.59 -24.73
N SER A 45 4.01 5.25 -24.71
CA SER A 45 2.80 4.43 -24.96
C SER A 45 1.85 4.40 -23.76
N LEU A 46 2.34 4.73 -22.58
CA LEU A 46 1.50 4.70 -21.39
C LEU A 46 0.40 5.75 -21.48
N LYS A 47 -0.78 5.39 -21.00
CA LYS A 47 -1.90 6.31 -20.88
C LYS A 47 -1.91 7.12 -19.60
N PRO A 48 -2.67 8.26 -19.64
CA PRO A 48 -2.88 8.98 -18.41
C PRO A 48 -3.59 7.98 -17.52
N LEU A 49 -3.29 8.11 -16.25
CA LEU A 49 -3.91 7.30 -15.28
C LEU A 49 -5.26 7.91 -15.00
N SER A 50 -6.26 7.05 -14.90
CA SER A 50 -7.63 7.48 -14.58
C SER A 50 -7.97 6.94 -13.18
N VAL A 51 -8.02 7.84 -12.21
CA VAL A 51 -8.41 7.51 -10.85
C VAL A 51 -9.79 8.12 -10.69
N SER A 52 -10.80 7.26 -10.55
N SER A 52 -10.79 7.25 -10.55
CA SER A 52 -12.18 7.72 -10.47
CA SER A 52 -12.18 7.67 -10.48
C SER A 52 -12.82 7.30 -9.19
C SER A 52 -12.79 7.27 -9.17
N TYR A 53 -12.63 8.12 -8.16
CA TYR A 53 -13.06 7.79 -6.82
C TYR A 53 -14.28 8.55 -6.32
N ASP A 54 -14.98 9.26 -7.20
CA ASP A 54 -16.10 10.09 -6.77
C ASP A 54 -17.28 9.36 -6.15
N GLN A 55 -17.47 8.11 -6.51
CA GLN A 55 -18.59 7.39 -5.88
C GLN A 55 -18.14 6.37 -4.80
N ALA A 56 -16.94 6.53 -4.26
CA ALA A 56 -16.39 5.55 -3.30
C ALA A 56 -17.24 5.45 -2.08
N THR A 57 -17.41 4.20 -1.65
CA THR A 57 -18.19 3.93 -0.45
C THR A 57 -17.28 3.21 0.59
N SER A 58 -16.68 3.96 1.50
CA SER A 58 -15.89 3.35 2.58
C SER A 58 -16.86 2.74 3.57
N LEU A 59 -16.42 1.69 4.25
CA LEU A 59 -17.27 0.95 5.20
C LEU A 59 -16.70 0.90 6.60
N ARG A 60 -15.44 0.53 6.72
CA ARG A 60 -14.90 0.07 8.01
C ARG A 60 -13.38 0.23 8.00
N ILE A 61 -12.82 0.30 9.20
CA ILE A 61 -11.40 0.35 9.40
C ILE A 61 -11.03 -0.77 10.33
N LEU A 62 -10.02 -1.55 9.99
CA LEU A 62 -9.66 -2.78 10.69
C LEU A 62 -8.18 -2.81 11.02
N ASN A 63 -7.83 -3.15 12.27
CA ASN A 63 -6.44 -3.50 12.64
C ASN A 63 -6.31 -5.02 12.43
N ASN A 64 -5.53 -5.45 11.40
CA ASN A 64 -5.43 -6.89 11.08
C ASN A 64 -4.16 -7.50 11.71
N GLY A 65 -3.48 -6.75 12.57
CA GLY A 65 -2.27 -7.23 13.23
C GLY A 65 -0.99 -6.92 12.46
N HIS A 66 -1.12 -6.50 11.19
CA HIS A 66 0.00 -6.14 10.28
C HIS A 66 -0.02 -4.69 9.80
N ALA A 67 -1.20 -4.09 9.76
CA ALA A 67 -1.47 -2.72 9.35
C ALA A 67 -2.91 -2.42 9.75
N PHE A 68 -3.41 -1.25 9.34
CA PHE A 68 -4.85 -1.05 9.38
C PHE A 68 -5.36 -0.91 7.97
N ASN A 69 -6.51 -1.52 7.71
CA ASN A 69 -7.13 -1.42 6.38
C ASN A 69 -8.41 -0.59 6.46
N VAL A 70 -8.54 0.39 5.57
CA VAL A 70 -9.81 1.05 5.33
C VAL A 70 -10.45 0.33 4.13
N GLU A 71 -11.59 -0.25 4.39
CA GLU A 71 -12.28 -1.12 3.45
C GLU A 71 -13.43 -0.41 2.76
N PHE A 72 -13.66 -0.78 1.49
CA PHE A 72 -14.67 -0.20 0.65
C PHE A 72 -15.65 -1.25 0.15
N ASP A 73 -16.84 -0.78 -0.18
CA ASP A 73 -17.83 -1.57 -0.88
C ASP A 73 -17.36 -1.70 -2.31
N ASP A 74 -16.96 -2.90 -2.67
CA ASP A 74 -16.47 -3.23 -4.01
C ASP A 74 -17.45 -4.11 -4.78
N SER A 75 -18.73 -4.02 -4.44
CA SER A 75 -19.73 -4.85 -5.09
C SER A 75 -20.35 -4.17 -6.31
N GLN A 76 -19.89 -2.96 -6.63
CA GLN A 76 -20.30 -2.29 -7.85
C GLN A 76 -19.16 -1.44 -8.34
N ASP A 77 -19.24 -0.87 -9.58
CA ASP A 77 -18.11 -0.04 -10.10
C ASP A 77 -18.30 1.34 -9.51
N LYS A 78 -17.73 1.57 -8.34
CA LYS A 78 -17.84 2.86 -7.59
C LYS A 78 -16.58 3.73 -7.44
N ALA A 79 -15.43 3.08 -7.36
CA ALA A 79 -14.11 3.67 -7.15
C ALA A 79 -13.19 2.81 -7.99
N VAL A 80 -12.77 3.31 -9.16
CA VAL A 80 -12.01 2.48 -10.06
C VAL A 80 -10.78 3.18 -10.57
N LEU A 81 -9.81 2.35 -10.89
CA LEU A 81 -8.59 2.73 -11.52
C LEU A 81 -8.52 2.08 -12.88
N LYS A 82 -8.14 2.87 -13.86
CA LYS A 82 -7.95 2.38 -15.22
C LYS A 82 -6.95 3.26 -15.94
N GLY A 83 -6.70 2.96 -17.20
CA GLY A 83 -5.69 3.68 -17.89
C GLY A 83 -4.29 3.38 -17.40
N GLY A 84 -3.37 4.32 -17.62
CA GLY A 84 -1.96 4.07 -17.33
C GLY A 84 -1.50 2.82 -18.05
N PRO A 85 -0.83 1.93 -17.30
CA PRO A 85 -0.39 0.70 -17.89
C PRO A 85 -1.47 -0.36 -17.96
N LEU A 86 -2.67 -0.07 -17.49
CA LEU A 86 -3.68 -1.14 -17.22
C LEU A 86 -4.53 -1.38 -18.41
N ASP A 87 -4.91 -2.63 -18.59
CA ASP A 87 -5.93 -3.02 -19.52
C ASP A 87 -7.14 -3.31 -18.69
N GLY A 88 -8.27 -2.74 -19.05
CA GLY A 88 -9.46 -2.99 -18.27
C GLY A 88 -9.62 -2.10 -17.06
N THR A 89 -10.38 -2.57 -16.09
N THR A 89 -10.46 -2.56 -16.14
CA THR A 89 -10.84 -1.74 -14.99
CA THR A 89 -10.96 -1.81 -14.98
C THR A 89 -10.67 -2.46 -13.67
C THR A 89 -10.59 -2.52 -13.68
N TYR A 90 -10.03 -1.74 -12.76
CA TYR A 90 -9.73 -2.29 -11.44
C TYR A 90 -10.48 -1.54 -10.35
N ARG A 91 -11.10 -2.29 -9.43
CA ARG A 91 -11.98 -1.73 -8.43
C ARG A 91 -11.29 -1.66 -7.06
N LEU A 92 -11.41 -0.50 -6.41
CA LEU A 92 -10.84 -0.28 -5.10
C LEU A 92 -11.54 -1.15 -4.05
N ILE A 93 -10.73 -1.93 -3.31
CA ILE A 93 -11.21 -2.77 -2.20
C ILE A 93 -10.78 -2.23 -0.83
N GLN A 94 -9.56 -1.71 -0.73
CA GLN A 94 -9.06 -1.25 0.56
C GLN A 94 -7.83 -0.41 0.35
N PHE A 95 -7.49 0.40 1.35
CA PHE A 95 -6.17 0.96 1.43
C PHE A 95 -5.56 0.72 2.80
N HIS A 96 -4.25 0.78 2.86
CA HIS A 96 -3.51 0.69 4.11
C HIS A 96 -2.16 1.35 3.91
N PHE A 97 -1.39 1.42 4.97
CA PHE A 97 -0.10 1.99 4.98
C PHE A 97 0.97 1.08 5.56
N HIS A 98 2.22 1.40 5.26
CA HIS A 98 3.41 0.88 5.87
C HIS A 98 4.18 2.03 6.39
N TRP A 99 4.75 1.91 7.61
CA TRP A 99 5.45 3.06 8.19
C TRP A 99 6.56 2.61 9.14
N GLY A 100 7.38 3.58 9.57
CA GLY A 100 8.55 3.30 10.35
C GLY A 100 8.40 3.65 11.82
N SER A 101 9.45 3.30 12.56
CA SER A 101 9.62 3.73 13.93
C SER A 101 10.23 5.13 14.06
N LEU A 102 10.77 5.64 12.93
CA LEU A 102 11.52 6.88 12.81
C LEU A 102 11.13 7.49 11.48
N ASP A 103 11.15 8.83 11.41
CA ASP A 103 10.77 9.50 10.16
C ASP A 103 11.66 9.10 8.98
N GLY A 104 12.90 8.66 9.22
CA GLY A 104 13.84 8.29 8.13
C GLY A 104 13.63 6.94 7.47
N GLN A 105 12.60 6.21 7.85
CA GLN A 105 12.31 4.92 7.24
C GLN A 105 10.80 4.67 7.33
N GLY A 106 10.33 3.67 6.57
CA GLY A 106 8.94 3.28 6.63
C GLY A 106 8.36 2.88 5.30
N SER A 107 8.86 3.47 4.20
CA SER A 107 8.38 3.10 2.90
C SER A 107 8.92 1.73 2.52
N GLU A 108 8.20 1.10 1.59
CA GLU A 108 8.55 -0.22 1.03
C GLU A 108 9.39 -0.01 -0.25
N HIS A 109 8.76 0.68 -1.21
CA HIS A 109 9.53 1.15 -2.32
C HIS A 109 10.49 2.23 -1.87
N THR A 110 11.63 2.36 -2.59
CA THR A 110 12.54 3.43 -2.36
C THR A 110 12.81 4.08 -3.73
N VAL A 111 13.33 5.29 -3.68
CA VAL A 111 13.58 6.07 -4.93
C VAL A 111 15.06 6.48 -4.90
N ASP A 112 15.86 5.87 -5.76
CA ASP A 112 17.30 6.06 -5.69
C ASP A 112 17.82 5.85 -4.26
N LYS A 113 17.29 4.78 -3.64
CA LYS A 113 17.61 4.35 -2.29
C LYS A 113 16.97 5.22 -1.18
N LYS A 114 16.30 6.30 -1.53
CA LYS A 114 15.63 7.13 -0.54
C LYS A 114 14.45 6.37 0.05
N LYS A 115 14.41 6.32 1.40
CA LYS A 115 13.26 5.79 2.14
C LYS A 115 12.41 6.97 2.61
N TYR A 116 11.10 6.87 2.36
CA TYR A 116 10.17 7.81 2.92
C TYR A 116 9.63 7.34 4.28
N ALA A 117 8.96 8.25 5.00
CA ALA A 117 8.41 7.94 6.36
C ALA A 117 7.34 6.90 6.32
N ALA A 118 6.59 6.81 5.23
CA ALA A 118 5.52 5.83 5.11
C ALA A 118 5.13 5.71 3.63
N GLU A 119 4.32 4.70 3.36
CA GLU A 119 3.82 4.44 1.99
C GLU A 119 2.37 3.95 2.09
N LEU A 120 1.52 4.59 1.33
CA LEU A 120 0.14 4.26 1.17
C LEU A 120 -0.07 3.32 0.01
N HIS A 121 -0.87 2.29 0.18
CA HIS A 121 -1.26 1.33 -0.84
C HIS A 121 -2.75 1.36 -1.00
N LEU A 122 -3.23 1.80 -2.17
CA LEU A 122 -4.62 1.75 -2.59
C LEU A 122 -4.76 0.50 -3.47
N VAL A 123 -5.47 -0.48 -2.96
CA VAL A 123 -5.49 -1.81 -3.56
C VAL A 123 -6.75 -1.98 -4.41
N HIS A 124 -6.54 -2.43 -5.65
CA HIS A 124 -7.63 -2.59 -6.59
C HIS A 124 -7.52 -3.96 -7.26
N TRP A 125 -8.68 -4.55 -7.56
CA TRP A 125 -8.68 -5.86 -8.27
C TRP A 125 -9.35 -5.74 -9.64
N ASN A 126 -8.82 -6.56 -10.56
CA ASN A 126 -9.26 -6.56 -11.96
C ASN A 126 -10.65 -7.15 -12.06
N THR A 127 -11.60 -6.33 -12.52
CA THR A 127 -13.01 -6.75 -12.54
C THR A 127 -13.26 -7.98 -13.41
N LYS A 128 -12.33 -8.27 -14.41
CA LYS A 128 -12.51 -9.43 -15.26
C LYS A 128 -12.49 -10.76 -14.45
N TYR A 129 -11.96 -10.73 -13.21
CA TYR A 129 -11.88 -11.95 -12.41
C TYR A 129 -12.94 -12.01 -11.32
N GLY A 130 -13.86 -11.05 -11.26
CA GLY A 130 -15.07 -11.23 -10.47
C GLY A 130 -15.02 -10.90 -8.99
N ASP A 131 -13.91 -11.27 -8.34
CA ASP A 131 -13.66 -10.83 -6.96
C ASP A 131 -12.18 -10.86 -6.62
N PHE A 132 -11.85 -10.29 -5.45
CA PHE A 132 -10.47 -10.20 -5.02
C PHE A 132 -9.80 -11.60 -4.93
N GLY A 133 -10.53 -12.56 -4.32
CA GLY A 133 -9.93 -13.87 -4.12
C GLY A 133 -9.51 -14.58 -5.39
N LYS A 134 -10.30 -14.41 -6.43
CA LYS A 134 -9.93 -14.97 -7.72
C LYS A 134 -8.88 -14.15 -8.42
N ALA A 135 -8.95 -12.84 -8.23
CA ALA A 135 -7.96 -11.96 -8.83
C ALA A 135 -6.53 -12.27 -8.36
N VAL A 136 -6.37 -12.63 -7.09
CA VAL A 136 -5.02 -12.88 -6.58
C VAL A 136 -4.48 -14.22 -7.04
N GLN A 137 -5.21 -14.97 -7.84
CA GLN A 137 -4.72 -16.18 -8.53
C GLN A 137 -4.24 -15.87 -9.96
N GLN A 138 -4.16 -14.57 -10.30
CA GLN A 138 -3.85 -14.18 -11.66
C GLN A 138 -2.68 -13.23 -11.71
N PRO A 139 -1.89 -13.26 -12.80
CA PRO A 139 -0.69 -12.42 -12.88
C PRO A 139 -0.98 -10.94 -13.10
N ASP A 140 -2.21 -10.65 -13.54
CA ASP A 140 -2.69 -9.29 -13.70
C ASP A 140 -3.94 -9.04 -12.85
N GLY A 141 -3.99 -9.65 -11.67
CA GLY A 141 -5.17 -9.59 -10.90
C GLY A 141 -5.37 -8.28 -10.12
N LEU A 142 -4.27 -7.65 -9.71
CA LEU A 142 -4.32 -6.49 -8.84
C LEU A 142 -3.57 -5.31 -9.48
N ALA A 143 -4.03 -4.13 -9.10
CA ALA A 143 -3.29 -2.87 -9.38
C ALA A 143 -3.22 -2.14 -8.05
N VAL A 144 -2.00 -1.88 -7.60
CA VAL A 144 -1.77 -1.14 -6.39
C VAL A 144 -1.19 0.23 -6.73
N LEU A 145 -1.90 1.28 -6.27
CA LEU A 145 -1.44 2.63 -6.37
C LEU A 145 -0.67 2.94 -5.10
N GLY A 146 0.63 3.16 -5.23
CA GLY A 146 1.54 3.44 -4.13
C GLY A 146 1.86 4.91 -4.04
N ILE A 147 1.74 5.49 -2.87
CA ILE A 147 1.96 6.90 -2.65
C ILE A 147 2.90 7.07 -1.47
N PHE A 148 3.98 7.80 -1.62
CA PHE A 148 4.93 8.04 -0.53
C PHE A 148 4.41 9.17 0.38
N LEU A 149 4.73 9.02 1.67
CA LEU A 149 4.44 10.02 2.68
C LEU A 149 5.75 10.56 3.22
N LYS A 150 5.90 11.89 3.22
CA LYS A 150 6.98 12.60 3.90
C LYS A 150 6.39 13.38 5.05
N VAL A 151 7.20 13.64 6.05
CA VAL A 151 6.79 14.43 7.20
C VAL A 151 7.02 15.95 6.90
N GLY A 152 5.96 16.72 6.99
CA GLY A 152 6.01 18.18 6.79
C GLY A 152 4.70 18.78 7.26
N SER A 153 3.98 19.43 6.33
CA SER A 153 2.67 19.94 6.66
C SER A 153 1.67 18.80 6.82
N ALA A 154 0.67 19.02 7.67
CA ALA A 154 -0.40 18.07 7.80
C ALA A 154 -1.16 17.77 6.49
N LYS A 155 -1.68 16.54 6.37
CA LYS A 155 -2.55 16.21 5.27
C LYS A 155 -3.99 16.22 5.81
N PRO A 156 -4.78 17.24 5.47
CA PRO A 156 -6.13 17.28 6.08
C PRO A 156 -6.98 16.05 5.77
N GLY A 157 -6.82 15.50 4.57
CA GLY A 157 -7.58 14.32 4.16
C GLY A 157 -7.23 13.05 4.92
N LEU A 158 -6.08 13.05 5.60
CA LEU A 158 -5.69 11.94 6.46
C LEU A 158 -6.29 12.05 7.86
N GLN A 159 -6.70 13.22 8.31
CA GLN A 159 -6.97 13.38 9.72
C GLN A 159 -8.09 12.50 10.24
N LYS A 160 -9.14 12.27 9.44
CA LYS A 160 -10.24 11.39 9.88
C LYS A 160 -9.72 9.97 10.20
N VAL A 161 -8.75 9.52 9.41
CA VAL A 161 -8.12 8.23 9.68
C VAL A 161 -7.35 8.27 11.00
N VAL A 162 -6.50 9.27 11.19
CA VAL A 162 -5.69 9.38 12.41
C VAL A 162 -6.59 9.39 13.64
N ASP A 163 -7.73 10.08 13.55
CA ASP A 163 -8.51 10.26 14.75
C ASP A 163 -9.28 9.05 15.21
N VAL A 164 -9.41 8.05 14.33
CA VAL A 164 -10.12 6.84 14.70
C VAL A 164 -9.18 5.73 15.21
N LEU A 165 -7.86 5.95 15.10
CA LEU A 165 -6.91 4.87 15.37
C LEU A 165 -6.92 4.40 16.81
N ASP A 166 -7.25 5.29 17.72
CA ASP A 166 -7.33 4.91 19.12
C ASP A 166 -8.40 3.83 19.38
N SER A 167 -9.43 3.78 18.54
CA SER A 167 -10.54 2.81 18.65
C SER A 167 -10.21 1.45 18.04
N ILE A 168 -9.09 1.36 17.31
CA ILE A 168 -8.64 0.07 16.75
C ILE A 168 -7.18 -0.20 17.11
N LYS A 169 -6.84 0.05 18.37
CA LYS A 169 -5.45 -0.05 18.79
C LYS A 169 -4.83 -1.43 18.55
N THR A 170 -5.61 -2.47 18.82
CA THR A 170 -5.12 -3.82 18.88
C THR A 170 -5.66 -4.73 17.74
N LYS A 171 -4.92 -5.78 17.48
CA LYS A 171 -5.25 -6.72 16.45
C LYS A 171 -6.64 -7.27 16.56
N GLY A 172 -7.41 -7.18 15.50
CA GLY A 172 -8.77 -7.69 15.47
C GLY A 172 -9.84 -6.67 15.72
N LYS A 173 -9.46 -5.47 16.18
CA LYS A 173 -10.44 -4.42 16.36
C LYS A 173 -10.81 -3.76 15.04
N SER A 174 -12.08 -3.40 14.92
CA SER A 174 -12.63 -2.68 13.79
C SER A 174 -13.56 -1.60 14.25
N ALA A 175 -13.82 -0.67 13.38
CA ALA A 175 -14.74 0.42 13.64
C ALA A 175 -15.40 0.91 12.35
N ASP A 176 -16.59 1.49 12.45
CA ASP A 176 -17.23 2.08 11.31
C ASP A 176 -16.32 3.13 10.72
N PHE A 177 -16.35 3.20 9.41
CA PHE A 177 -15.55 4.22 8.72
C PHE A 177 -16.21 4.57 7.40
N THR A 178 -17.42 5.02 7.52
CA THR A 178 -18.21 5.46 6.38
C THR A 178 -17.91 6.91 5.99
N ASN A 179 -18.27 7.22 4.76
CA ASN A 179 -18.23 8.57 4.23
C ASN A 179 -16.85 9.19 4.21
N PHE A 180 -15.83 8.38 3.94
CA PHE A 180 -14.47 8.87 3.75
C PHE A 180 -14.12 8.97 2.30
N ASP A 181 -13.60 10.13 1.92
CA ASP A 181 -13.22 10.42 0.55
C ASP A 181 -11.73 10.16 0.37
N PRO A 182 -11.37 9.06 -0.32
CA PRO A 182 -9.94 8.72 -0.47
C PRO A 182 -9.20 9.66 -1.42
N ARG A 183 -9.92 10.53 -2.13
CA ARG A 183 -9.23 11.50 -2.99
C ARG A 183 -8.40 12.47 -2.20
N GLY A 184 -8.70 12.64 -0.90
CA GLY A 184 -7.89 13.53 -0.10
C GLY A 184 -6.54 12.98 0.33
N LEU A 185 -6.24 11.75 -0.11
CA LEU A 185 -4.93 11.14 0.14
C LEU A 185 -3.96 11.19 -1.03
N LEU A 186 -4.43 11.79 -2.12
CA LEU A 186 -3.63 11.84 -3.36
C LEU A 186 -2.79 13.14 -3.40
N PRO A 187 -1.64 13.09 -4.06
CA PRO A 187 -0.89 14.33 -4.39
C PRO A 187 -1.56 15.02 -5.58
N GLU A 188 -1.03 16.17 -5.95
CA GLU A 188 -1.56 16.89 -7.10
C GLU A 188 -1.27 16.18 -8.42
N SER A 189 -0.03 15.73 -8.59
CA SER A 189 0.40 15.08 -9.84
C SER A 189 0.17 13.59 -9.83
N LEU A 190 -0.27 13.05 -10.95
CA LEU A 190 -0.39 11.59 -11.17
C LEU A 190 0.77 11.00 -11.99
N ASP A 191 1.89 11.73 -12.10
CA ASP A 191 3.10 11.15 -12.72
C ASP A 191 3.48 9.90 -11.92
N TYR A 192 3.87 8.82 -12.61
CA TYR A 192 4.13 7.56 -11.92
C TYR A 192 5.21 6.75 -12.58
N TRP A 193 5.71 5.79 -11.82
CA TRP A 193 6.47 4.67 -12.29
C TRP A 193 5.61 3.43 -12.21
N THR A 194 5.83 2.47 -13.10
CA THR A 194 5.12 1.21 -13.05
C THR A 194 6.03 0.04 -13.36
N TYR A 195 5.73 -1.11 -12.73
CA TYR A 195 6.45 -2.36 -12.99
C TYR A 195 5.58 -3.52 -12.47
N PRO A 196 5.87 -4.76 -12.91
CA PRO A 196 5.12 -5.93 -12.46
C PRO A 196 5.74 -6.47 -11.20
N GLY A 197 4.92 -6.71 -10.18
CA GLY A 197 5.43 -7.23 -8.94
C GLY A 197 4.43 -8.06 -8.17
N SER A 198 4.50 -7.93 -6.85
CA SER A 198 3.83 -8.84 -5.92
C SER A 198 3.20 -8.11 -4.78
N LEU A 199 2.44 -8.87 -3.98
CA LEU A 199 2.15 -8.44 -2.61
C LEU A 199 3.48 -8.26 -1.87
N THR A 200 3.49 -7.35 -0.90
CA THR A 200 4.68 -7.15 -0.09
C THR A 200 4.57 -7.82 1.30
N THR A 201 3.51 -8.63 1.46
CA THR A 201 3.22 -9.40 2.68
C THR A 201 2.88 -10.80 2.22
N PRO A 202 3.16 -11.80 3.09
CA PRO A 202 2.62 -13.14 2.82
C PRO A 202 1.12 -13.05 2.44
N PRO A 203 0.67 -13.76 1.40
CA PRO A 203 1.35 -14.85 0.69
C PRO A 203 2.29 -14.42 -0.48
N LEU A 204 2.57 -13.12 -0.61
CA LEU A 204 3.61 -12.66 -1.56
C LEU A 204 3.32 -12.98 -3.02
N LEU A 205 2.04 -13.07 -3.32
CA LEU A 205 1.57 -13.56 -4.65
C LEU A 205 1.97 -12.52 -5.71
N GLU A 206 2.36 -13.02 -6.85
CA GLU A 206 2.86 -12.23 -7.94
C GLU A 206 1.72 -11.81 -8.88
N CYS A 207 0.89 -10.92 -8.38
N CYS A 207 0.84 -10.96 -8.36
CA CYS A 207 -0.35 -10.60 -9.03
CA CYS A 207 -0.41 -10.54 -9.03
C CYS A 207 -0.54 -9.09 -9.25
C CYS A 207 -0.47 -9.08 -9.45
N VAL A 208 0.51 -8.28 -9.01
CA VAL A 208 0.36 -6.85 -8.93
C VAL A 208 1.00 -6.09 -10.06
N THR A 209 0.20 -5.23 -10.72
CA THR A 209 0.79 -4.12 -11.45
C THR A 209 0.94 -2.97 -10.51
N TRP A 210 2.19 -2.65 -10.18
CA TRP A 210 2.46 -1.50 -9.33
C TRP A 210 2.47 -0.21 -10.11
N ILE A 211 1.84 0.80 -9.54
CA ILE A 211 1.78 2.17 -10.02
C ILE A 211 2.20 3.07 -8.87
N VAL A 212 3.43 3.56 -8.89
CA VAL A 212 3.98 4.28 -7.76
C VAL A 212 4.07 5.73 -8.16
N LEU A 213 3.36 6.62 -7.46
CA LEU A 213 3.39 8.04 -7.80
C LEU A 213 4.70 8.69 -7.42
N LYS A 214 5.17 9.56 -8.32
CA LYS A 214 6.39 10.26 -8.09
C LYS A 214 6.32 11.30 -6.96
N GLU A 215 5.19 11.99 -6.87
CA GLU A 215 5.05 13.11 -5.93
C GLU A 215 4.55 12.53 -4.57
N PRO A 216 5.34 12.71 -3.51
CA PRO A 216 4.82 12.29 -2.21
C PRO A 216 3.76 13.25 -1.70
N ILE A 217 2.97 12.75 -0.76
CA ILE A 217 2.14 13.60 0.06
C ILE A 217 2.89 13.94 1.32
N SER A 218 2.62 15.11 1.88
N SER A 218 2.53 15.08 1.89
CA SER A 218 3.17 15.45 3.19
CA SER A 218 3.07 15.55 3.15
C SER A 218 2.10 15.27 4.25
C SER A 218 2.06 15.23 4.25
N VAL A 219 2.52 14.68 5.37
CA VAL A 219 1.72 14.49 6.56
C VAL A 219 2.52 15.12 7.72
N SER A 220 1.83 15.49 8.77
CA SER A 220 2.53 16.09 9.92
C SER A 220 3.20 15.07 10.81
N SER A 221 4.18 15.55 11.57
N SER A 221 4.19 15.52 11.57
CA SER A 221 4.85 14.75 12.55
CA SER A 221 4.85 14.66 12.54
C SER A 221 3.82 14.14 13.51
C SER A 221 3.80 14.11 13.49
N GLU A 222 2.82 14.94 13.88
CA GLU A 222 1.78 14.49 14.79
C GLU A 222 0.92 13.34 14.21
N GLN A 223 0.60 13.41 12.92
CA GLN A 223 -0.17 12.40 12.26
C GLN A 223 0.57 11.07 12.22
N VAL A 224 1.85 11.09 11.83
CA VAL A 224 2.56 9.79 11.72
C VAL A 224 2.85 9.24 13.14
N LEU A 225 3.05 10.11 14.16
N LEU A 225 3.03 10.11 14.13
CA LEU A 225 3.19 9.61 15.54
CA LEU A 225 3.21 9.63 15.48
C LEU A 225 2.04 8.74 15.96
C LEU A 225 2.05 8.77 15.97
N LYS A 226 0.84 9.12 15.52
CA LYS A 226 -0.37 8.36 15.88
C LYS A 226 -0.44 7.01 15.22
N PHE A 227 0.12 6.88 14.03
CA PHE A 227 0.28 5.53 13.45
C PHE A 227 1.10 4.63 14.37
N ARG A 228 2.15 5.21 14.98
CA ARG A 228 3.12 4.46 15.78
C ARG A 228 2.60 4.04 17.16
N LYS A 229 1.39 4.48 17.51
CA LYS A 229 0.78 4.07 18.81
C LYS A 229 -0.10 2.84 18.66
N LEU A 230 -0.33 2.43 17.42
CA LEU A 230 -1.07 1.19 17.17
C LEU A 230 -0.25 0.00 17.71
N ASN A 231 -0.91 -1.15 17.83
CA ASN A 231 -0.30 -2.35 18.35
C ASN A 231 -0.37 -3.52 17.34
N PHE A 232 0.70 -4.32 17.26
CA PHE A 232 0.64 -5.62 16.57
C PHE A 232 -0.16 -6.68 17.35
N ASN A 233 -0.07 -6.60 18.67
CA ASN A 233 -0.71 -7.55 19.58
C ASN A 233 -2.20 -7.35 19.64
N GLY A 234 -2.87 -8.40 20.13
CA GLY A 234 -4.25 -8.36 20.58
C GLY A 234 -4.44 -7.67 21.91
N GLU A 235 -5.68 -7.30 22.18
CA GLU A 235 -6.03 -6.75 23.50
C GLU A 235 -5.72 -7.76 24.60
N GLY A 236 -5.17 -7.25 25.70
CA GLY A 236 -4.85 -8.08 26.84
C GLY A 236 -3.56 -8.86 26.74
N GLU A 237 -2.85 -8.63 25.63
CA GLU A 237 -1.53 -9.22 25.41
C GLU A 237 -0.46 -8.12 25.61
N PRO A 238 0.79 -8.51 25.84
CA PRO A 238 1.81 -7.49 25.96
C PRO A 238 1.96 -6.58 24.75
N GLU A 239 2.16 -5.30 25.03
CA GLU A 239 2.17 -4.30 23.99
C GLU A 239 3.43 -4.32 23.15
N GLU A 240 3.21 -4.46 21.83
CA GLU A 240 4.25 -4.37 20.85
C GLU A 240 3.79 -3.38 19.80
N LEU A 241 4.47 -2.22 19.77
CA LEU A 241 4.01 -1.16 18.88
C LEU A 241 4.13 -1.56 17.42
N MET A 242 3.06 -1.21 16.70
CA MET A 242 3.01 -1.40 15.25
C MET A 242 3.83 -0.33 14.53
N VAL A 243 5.11 -0.69 14.37
CA VAL A 243 6.09 0.15 13.68
C VAL A 243 6.97 -0.74 12.81
N ASP A 244 7.56 -0.14 11.78
CA ASP A 244 8.44 -0.86 10.89
C ASP A 244 7.80 -2.10 10.25
N ASN A 245 6.55 -1.89 9.79
CA ASN A 245 5.80 -2.91 9.05
C ASN A 245 5.99 -2.81 7.55
N TRP A 246 7.26 -2.75 7.16
CA TRP A 246 7.67 -2.64 5.77
C TRP A 246 8.61 -3.77 5.46
N ARG A 247 8.51 -4.23 4.20
CA ARG A 247 9.44 -5.17 3.61
C ARG A 247 10.51 -4.42 2.88
N PRO A 248 11.79 -4.82 3.06
CA PRO A 248 12.82 -4.14 2.29
C PRO A 248 12.76 -4.42 0.77
N ALA A 249 13.49 -3.60 0.03
CA ALA A 249 13.58 -3.77 -1.40
C ALA A 249 14.15 -5.14 -1.77
N GLN A 250 13.54 -5.70 -2.81
CA GLN A 250 13.88 -6.99 -3.32
C GLN A 250 14.55 -6.88 -4.70
N PRO A 251 15.23 -7.95 -5.14
CA PRO A 251 15.96 -7.85 -6.42
C PRO A 251 15.02 -7.62 -7.62
N LEU A 252 15.42 -6.70 -8.51
CA LEU A 252 14.62 -6.35 -9.64
C LEU A 252 14.60 -7.49 -10.64
N LYS A 253 15.68 -8.24 -10.74
CA LYS A 253 15.68 -9.41 -11.68
C LYS A 253 15.36 -8.96 -13.10
N ASN A 254 14.60 -9.71 -13.86
CA ASN A 254 14.46 -9.44 -15.26
C ASN A 254 13.19 -8.61 -15.40
N ARG A 255 13.25 -7.37 -14.80
CA ARG A 255 12.17 -6.39 -14.93
C ARG A 255 12.63 -5.01 -15.30
N GLN A 256 11.74 -4.29 -15.98
CA GLN A 256 11.95 -2.91 -16.27
C GLN A 256 10.89 -2.08 -15.60
N ILE A 257 11.37 -0.99 -15.06
CA ILE A 257 10.49 0.01 -14.52
C ILE A 257 10.27 1.10 -15.57
N LYS A 258 9.01 1.43 -15.82
CA LYS A 258 8.63 2.43 -16.85
C LYS A 258 8.12 3.67 -16.18
N ALA A 259 8.49 4.83 -16.69
CA ALA A 259 8.01 6.15 -16.24
C ALA A 259 6.94 6.70 -17.17
N SER A 260 5.93 7.34 -16.57
CA SER A 260 4.85 7.93 -17.35
C SER A 260 5.17 9.36 -17.80
N PHE A 261 6.37 9.82 -17.43
CA PHE A 261 6.80 11.20 -17.59
C PHE A 261 8.27 11.29 -17.98
N LYS A 262 8.64 12.45 -18.53
CA LYS A 262 9.98 12.68 -19.08
C LYS A 262 10.86 13.39 -18.07
ZN ZN B . 0.86 -2.73 1.40
C5 6M4 C . -3.19 -6.38 -0.23
C4 6M4 C . -3.23 -6.24 -1.60
C3 6M4 C . -2.11 -5.87 -2.34
C2 6M4 C . -0.92 -5.64 -1.72
C1 6M4 C . -0.85 -5.78 -0.33
C6 6M4 C . -1.96 -6.15 0.40
C7 6M4 C . -1.72 -6.25 1.85
O1 6M4 C . -0.41 -5.68 1.98
B1 6M4 C . 0.39 -5.61 0.71
O3 6M4 C . 1.24 -4.45 0.63
O2 6M4 C . 1.22 -6.79 0.60
C5 6M4 D . -2.31 -5.60 -1.48
C4 6M4 D . -3.19 -6.53 -0.95
C3 6M4 D . -2.94 -7.15 0.26
C2 6M4 D . -1.76 -6.87 0.96
C1 6M4 D . -0.85 -5.92 0.42
C6 6M4 D . -1.14 -5.32 -0.79
C7 6M4 D . -0.07 -4.36 -1.21
O1 6M4 D . 0.67 -4.23 0.00
B1 6M4 D . 0.61 -5.31 0.91
O3 6M4 D . 1.69 -6.25 0.69
O2 6M4 D . 0.71 -4.70 2.18
C1 6M9 E . 6.55 -17.94 16.16
C2 6M9 E . 7.59 -18.87 16.35
C3 6M9 E . 8.77 -18.47 16.98
C4 6M9 E . 8.95 -17.19 17.44
C5 6M9 E . 7.94 -16.23 17.27
C6 6M9 E . 6.73 -16.62 16.63
C7 6M9 E . 5.49 -15.83 16.29
O1 6M9 E . 4.57 -16.72 15.66
O2 6M9 E . 4.44 -18.92 14.87
B1 6M9 E . 5.14 -17.95 15.50
C1 HGB F . 0.54 -18.33 -12.85
C3 HGB F . 0.34 -16.11 -11.85
C5 HGB F . -0.04 -15.20 -10.85
C7 HGB F . -0.75 -15.53 -9.77
HG HGB F . -1.17 -13.87 -8.59
C6 HGB F . -1.08 -16.91 -9.58
C4 HGB F . -0.68 -17.87 -10.58
O1 HGB F . 1.21 -17.94 -13.96
O2 HGB F . 0.21 -19.51 -12.62
C2 HGB F . 0.05 -17.41 -11.74
C1 6M9 G . 7.73 -18.80 10.64
C2 6M9 G . 6.34 -18.60 10.44
C3 6M9 G . 5.62 -17.82 11.34
C4 6M9 G . 6.26 -17.27 12.47
C5 6M9 G . 7.61 -17.48 12.69
C6 6M9 G . 8.33 -18.24 11.78
C7 6M9 G . 9.81 -18.59 11.82
O1 6M9 G . 10.20 -19.45 10.68
O2 6M9 G . 8.84 -20.33 8.76
B1 6M9 G . 8.88 -19.59 9.87
C5 6M4 H . 2.04 -25.31 14.24
C4 6M4 H . 2.52 -24.80 13.04
C3 6M4 H . 2.25 -23.49 12.68
C2 6M4 H . 1.50 -22.64 13.51
C1 6M4 H . 1.00 -23.12 14.71
C6 6M4 H . 1.29 -24.46 15.07
C7 6M4 H . 0.68 -24.80 16.40
O1 6M4 H . -0.12 -23.67 16.69
B1 6M4 H . 0.13 -22.44 15.89
O3 6M4 H . -1.05 -21.73 15.45
C5 6M4 I . 5.12 -9.40 18.63
C4 6M4 I . 4.14 -9.14 19.59
C3 6M4 I . 2.78 -9.23 19.24
C2 6M4 I . 2.40 -9.59 17.94
C1 6M4 I . 3.39 -9.84 16.97
C6 6M4 I . 4.73 -9.75 17.33
C7 6M4 I . 5.64 -10.05 16.21
O1 6M4 I . 4.73 -10.20 15.12
B1 6M4 I . 3.25 -10.27 15.41
O3 6M4 I . 2.68 -9.34 14.47
C5 6M4 J . 7.54 -13.01 18.46
C4 6M4 J . 7.49 -13.59 19.75
C3 6M4 J . 8.64 -13.63 20.56
C2 6M4 J . 9.85 -13.11 20.12
C1 6M4 J . 9.95 -12.53 18.84
C6 6M4 J . 8.79 -12.47 18.02
C7 6M4 J . 9.10 -11.82 16.69
O1 6M4 J . 10.52 -11.61 16.80
B1 6M4 J . 11.13 -11.87 18.08
O3 6M4 J . 11.84 -10.66 18.72
#